data_4FSV
#
_entry.id   4FSV
#
_cell.length_a   49.116
_cell.length_b   82.285
_cell.length_c   95.802
_cell.angle_alpha   90.000
_cell.angle_beta   90.000
_cell.angle_gamma   90.000
#
_symmetry.space_group_name_H-M   'P 21 21 21'
#
loop_
_entity.id
_entity.type
_entity.pdbx_description
1 polymer 'Heat shock-related 70 kDa protein 2'
2 water water
#
_entity_poly.entity_id   1
_entity_poly.type   'polypeptide(L)'
_entity_poly.pdbx_seq_one_letter_code
;GSARGPAIGIDLGTTYSCVGVFQHGKVEIIANDQGNRTTPSYVAFTDTERLIGDAAKNQVA(MSE)NPTNTIFDAKRLIG
RKFEDATVQSD(MSE)KHWPFRVVSEGGKPKVQVEYKGETKTFFPEEISS(MSE)VLTK(MSE)KEIAEAYLGGKVHSAV
ITVPAYFNDSQRQATKDAGTITGLNVLRIINEPTAAAIAYGLDKKGCAGGEKNVLIFDLGGGTFDVSILTIEDGIFEVKS
TAGDTHLGGEDFDNR(MSE)VSHLAEEFKRKHKKDIGPNKRAVRRLRTACERAKRTLSSSTQASIEIDSLYEGVDFYTSI
TRARFEELNADLFRGTLEPVEKALRDAKLDKGQIQEIVLVGGSTRIPKIQKLLQDFFNGKELNKSINPDEAVAYGAAVQA
AILIGDK
;
_entity_poly.pdbx_strand_id   A
#
# COMPACT_ATOMS: atom_id res chain seq x y z
N ARG A 4 -14.80 20.03 -15.45
CA ARG A 4 -13.97 18.87 -15.07
C ARG A 4 -14.28 18.37 -13.65
N GLY A 5 -15.28 18.98 -12.98
CA GLY A 5 -15.98 18.31 -11.85
C GLY A 5 -15.47 18.68 -10.47
N PRO A 6 -15.66 17.79 -9.48
CA PRO A 6 -14.92 17.98 -8.23
C PRO A 6 -13.45 17.56 -8.29
N ALA A 7 -12.64 18.14 -7.41
CA ALA A 7 -11.20 17.86 -7.39
C ALA A 7 -10.91 16.50 -6.66
N ILE A 8 -10.64 15.42 -7.40
CA ILE A 8 -10.39 14.03 -6.77
C ILE A 8 -8.93 13.49 -6.91
N GLY A 9 -8.33 13.01 -5.81
CA GLY A 9 -7.05 12.36 -5.88
C GLY A 9 -7.10 10.91 -5.50
N ILE A 10 -6.43 10.07 -6.27
CA ILE A 10 -6.44 8.64 -6.02
C ILE A 10 -5.04 8.04 -5.90
N ASP A 11 -4.76 7.44 -4.75
CA ASP A 11 -3.60 6.59 -4.52
C ASP A 11 -4.00 5.17 -4.90
N LEU A 12 -3.54 4.74 -6.07
CA LEU A 12 -3.80 3.40 -6.59
C LEU A 12 -2.64 2.53 -6.12
N GLY A 13 -2.88 1.85 -5.01
CA GLY A 13 -1.83 1.10 -4.27
C GLY A 13 -1.76 -0.39 -4.66
N THR A 14 -0.62 -1.03 -4.37
CA THR A 14 -0.43 -2.39 -4.81
CA THR A 14 -0.35 -2.39 -4.73
C THR A 14 -1.43 -3.31 -4.11
N THR A 15 -1.71 -3.09 -2.82
CA THR A 15 -2.71 -3.90 -2.11
C THR A 15 -3.87 -3.12 -1.47
N TYR A 16 -3.70 -1.80 -1.25
CA TYR A 16 -4.79 -0.90 -0.81
C TYR A 16 -4.76 0.42 -1.57
N SER A 17 -5.93 0.99 -1.77
CA SER A 17 -6.06 2.28 -2.45
C SER A 17 -6.81 3.27 -1.54
N CYS A 18 -6.68 4.57 -1.85
CA CYS A 18 -7.27 5.60 -1.03
C CYS A 18 -7.66 6.75 -1.94
N VAL A 19 -8.80 7.37 -1.63
CA VAL A 19 -9.35 8.48 -2.44
C VAL A 19 -9.66 9.67 -1.56
N GLY A 20 -9.32 10.85 -2.05
CA GLY A 20 -9.59 12.06 -1.34
C GLY A 20 -10.14 13.15 -2.26
N VAL A 21 -10.80 14.12 -1.64
CA VAL A 21 -11.33 15.29 -2.37
C VAL A 21 -10.90 16.60 -1.68
N PHE A 22 -10.60 17.61 -2.49
CA PHE A 22 -10.35 18.95 -1.96
C PHE A 22 -11.64 19.76 -2.07
N GLN A 23 -12.23 20.13 -0.93
CA GLN A 23 -13.50 20.88 -0.87
C GLN A 23 -13.46 21.97 0.20
N HIS A 24 -13.98 23.17 -0.11
CA HIS A 24 -14.12 24.18 0.94
CA HIS A 24 -14.07 24.25 0.87
C HIS A 24 -12.77 24.40 1.66
N GLY A 25 -11.68 24.50 0.89
CA GLY A 25 -10.34 24.76 1.42
C GLY A 25 -9.47 23.66 2.03
N LYS A 26 -9.99 22.44 2.11
CA LYS A 26 -9.29 21.35 2.79
C LYS A 26 -9.53 20.03 2.10
N VAL A 27 -8.63 19.08 2.36
CA VAL A 27 -8.77 17.73 1.84
C VAL A 27 -9.60 16.91 2.79
N GLU A 28 -10.51 16.13 2.26
CA GLU A 28 -11.22 15.12 3.04
C GLU A 28 -10.95 13.75 2.43
N ILE A 29 -10.48 12.81 3.24
CA ILE A 29 -10.26 11.43 2.77
C ILE A 29 -11.57 10.73 2.92
N ILE A 30 -11.93 9.93 1.92
CA ILE A 30 -13.28 9.43 1.83
C ILE A 30 -13.36 7.95 2.27
N ALA A 31 -14.19 7.68 3.26
CA ALA A 31 -14.39 6.28 3.67
C ALA A 31 -15.30 5.55 2.70
N ASN A 32 -15.07 4.25 2.55
CA ASN A 32 -15.89 3.43 1.68
C ASN A 32 -17.17 2.93 2.38
N ASP A 33 -17.97 2.05 1.77
CA ASP A 33 -19.27 1.69 2.37
C ASP A 33 -19.19 0.86 3.65
N GLN A 34 -18.02 0.30 3.92
CA GLN A 34 -17.79 -0.38 5.18
C GLN A 34 -17.13 0.53 6.19
N GLY A 35 -17.01 1.81 5.83
CA GLY A 35 -16.44 2.79 6.69
C GLY A 35 -14.95 2.84 6.68
N ASN A 36 -14.30 2.12 5.76
CA ASN A 36 -12.86 2.04 5.75
C ASN A 36 -12.28 3.15 4.90
N ARG A 37 -11.26 3.81 5.42
CA ARG A 37 -10.64 4.94 4.69
C ARG A 37 -9.61 4.51 3.66
N THR A 38 -9.29 3.21 3.63
CA THR A 38 -8.54 2.63 2.53
C THR A 38 -9.34 1.42 2.08
N THR A 39 -9.16 1.04 0.81
CA THR A 39 -9.94 -0.02 0.18
C THR A 39 -8.95 -0.98 -0.49
N PRO A 40 -9.07 -2.29 -0.22
CA PRO A 40 -8.21 -3.27 -0.90
C PRO A 40 -8.23 -3.18 -2.42
N SER A 41 -7.05 -3.25 -3.03
CA SER A 41 -6.91 -3.23 -4.48
C SER A 41 -7.11 -4.66 -5.02
N TYR A 42 -8.25 -5.24 -4.66
CA TYR A 42 -8.56 -6.63 -4.89
C TYR A 42 -9.83 -6.75 -5.76
N VAL A 43 -9.80 -7.69 -6.70
CA VAL A 43 -10.93 -8.01 -7.55
C VAL A 43 -11.10 -9.53 -7.57
N ALA A 44 -12.30 -10.01 -7.21
CA ALA A 44 -12.56 -11.43 -7.17
C ALA A 44 -13.60 -11.81 -8.21
N PHE A 45 -13.41 -12.98 -8.81
CA PHE A 45 -14.36 -13.56 -9.75
C PHE A 45 -14.93 -14.82 -9.15
N THR A 46 -16.26 -14.91 -9.14
CA THR A 46 -16.93 -16.04 -8.53
C THR A 46 -17.80 -16.72 -9.56
N ASP A 47 -18.60 -17.67 -9.12
CA ASP A 47 -19.55 -18.35 -10.02
C ASP A 47 -20.66 -17.44 -10.54
N THR A 48 -20.92 -16.32 -9.88
CA THR A 48 -21.99 -15.45 -10.30
C THR A 48 -21.65 -13.99 -10.40
N GLU A 49 -20.49 -13.55 -9.90
CA GLU A 49 -20.24 -12.11 -9.85
C GLU A 49 -18.79 -11.73 -9.72
N ARG A 50 -18.53 -10.43 -9.96
CA ARG A 50 -17.24 -9.82 -9.72
CA ARG A 50 -17.26 -9.77 -9.74
C ARG A 50 -17.37 -8.99 -8.44
N LEU A 51 -16.45 -9.21 -7.52
CA LEU A 51 -16.46 -8.47 -6.26
C LEU A 51 -15.21 -7.57 -6.27
N ILE A 52 -15.31 -6.36 -5.73
CA ILE A 52 -14.19 -5.44 -5.74
C ILE A 52 -14.01 -4.87 -4.33
N GLY A 53 -12.77 -4.68 -3.89
CA GLY A 53 -12.52 -4.00 -2.63
C GLY A 53 -12.68 -4.87 -1.41
N ASP A 54 -13.33 -4.37 -0.34
CA ASP A 54 -13.49 -5.17 0.87
C ASP A 54 -14.20 -6.52 0.60
N ALA A 55 -15.21 -6.48 -0.24
CA ALA A 55 -15.96 -7.69 -0.56
C ALA A 55 -15.05 -8.76 -1.20
N ALA A 56 -14.09 -8.34 -2.02
CA ALA A 56 -13.12 -9.24 -2.63
C ALA A 56 -12.17 -9.76 -1.56
N LYS A 57 -11.60 -8.84 -0.79
CA LYS A 57 -10.60 -9.27 0.19
C LYS A 57 -11.24 -10.17 1.25
N ASN A 58 -12.48 -9.90 1.61
CA ASN A 58 -13.12 -10.69 2.65
C ASN A 58 -13.24 -12.17 2.30
N GLN A 59 -13.33 -12.51 1.01
CA GLN A 59 -13.47 -13.92 0.57
C GLN A 59 -12.17 -14.52 -0.03
N VAL A 60 -11.07 -13.84 0.16
CA VAL A 60 -9.84 -14.25 -0.50
C VAL A 60 -9.35 -15.64 -0.08
N ALA A 61 -9.56 -16.02 1.18
CA ALA A 61 -9.08 -17.31 1.69
C ALA A 61 -9.95 -18.41 1.15
N MSE A 62 -11.20 -18.08 0.82
CA MSE A 62 -12.12 -19.07 0.25
C MSE A 62 -12.04 -19.22 -1.26
O MSE A 62 -12.56 -20.18 -1.79
CB MSE A 62 -13.57 -18.74 0.62
CG MSE A 62 -13.85 -18.69 2.11
SE MSE A 62 -13.69 -20.34 2.98
CE MSE A 62 -11.87 -20.14 3.75
N ASN A 63 -11.41 -18.29 -1.96
CA ASN A 63 -11.41 -18.31 -3.42
C ASN A 63 -10.08 -17.73 -3.93
N PRO A 64 -8.94 -18.28 -3.45
CA PRO A 64 -7.66 -17.60 -3.69
C PRO A 64 -7.22 -17.59 -5.15
N THR A 65 -7.52 -18.66 -5.88
CA THR A 65 -7.04 -18.74 -7.29
C THR A 65 -7.79 -17.78 -8.24
N ASN A 66 -8.94 -17.24 -7.80
CA ASN A 66 -9.75 -16.31 -8.61
C ASN A 66 -9.85 -14.91 -8.02
N THR A 67 -9.00 -14.62 -7.04
CA THR A 67 -8.99 -13.31 -6.42
C THR A 67 -7.66 -12.62 -6.75
N ILE A 68 -7.75 -11.53 -7.53
CA ILE A 68 -6.57 -10.83 -8.00
C ILE A 68 -6.19 -9.67 -7.09
N PHE A 69 -4.90 -9.55 -6.82
CA PHE A 69 -4.30 -8.39 -6.16
C PHE A 69 -2.94 -8.21 -6.84
N ASP A 70 -2.22 -7.12 -6.50
CA ASP A 70 -0.87 -6.87 -7.01
C ASP A 70 -0.86 -6.64 -8.53
N ALA A 71 -1.99 -6.34 -9.15
CA ALA A 71 -2.00 -5.98 -10.58
C ALA A 71 -1.04 -4.80 -10.88
N LYS A 72 -0.80 -3.97 -9.86
CA LYS A 72 0.18 -2.88 -10.01
C LYS A 72 1.61 -3.34 -10.35
N ARG A 73 1.94 -4.54 -9.95
CA ARG A 73 3.25 -5.11 -10.26
C ARG A 73 3.37 -5.62 -11.69
N LEU A 74 2.22 -5.76 -12.39
CA LEU A 74 2.15 -6.19 -13.80
C LEU A 74 1.93 -5.05 -14.79
N ILE A 75 1.24 -4.00 -14.36
CA ILE A 75 0.69 -3.00 -15.24
C ILE A 75 1.82 -2.34 -16.02
N GLY A 76 1.67 -2.31 -17.34
CA GLY A 76 2.64 -1.69 -18.22
C GLY A 76 3.94 -2.45 -18.43
N ARG A 77 3.99 -3.70 -17.96
CA ARG A 77 5.18 -4.52 -18.16
C ARG A 77 4.96 -5.55 -19.26
N LYS A 78 6.04 -6.18 -19.70
CA LYS A 78 5.93 -7.30 -20.62
C LYS A 78 5.95 -8.60 -19.83
N PHE A 79 5.33 -9.65 -20.35
CA PHE A 79 5.26 -10.94 -19.66
C PHE A 79 6.65 -11.52 -19.36
N GLU A 80 7.58 -11.35 -20.28
CA GLU A 80 8.89 -11.98 -20.08
CA GLU A 80 8.94 -11.87 -20.20
C GLU A 80 9.83 -11.13 -19.19
N ASP A 81 9.36 -9.99 -18.70
CA ASP A 81 10.15 -9.18 -17.77
C ASP A 81 10.53 -10.00 -16.52
N ALA A 82 11.77 -9.82 -16.07
CA ALA A 82 12.30 -10.54 -14.94
C ALA A 82 11.42 -10.39 -13.69
N THR A 83 11.00 -9.16 -13.39
CA THR A 83 10.16 -8.96 -12.20
CA THR A 83 10.12 -8.89 -12.25
C THR A 83 8.84 -9.73 -12.32
N VAL A 84 8.20 -9.72 -13.49
CA VAL A 84 6.98 -10.50 -13.71
C VAL A 84 7.20 -12.00 -13.46
N GLN A 85 8.25 -12.56 -14.04
CA GLN A 85 8.49 -13.99 -13.94
C GLN A 85 8.82 -14.38 -12.49
N SER A 86 9.50 -13.49 -11.76
CA SER A 86 9.79 -13.74 -10.36
C SER A 86 8.53 -13.65 -9.48
N ASP A 87 7.72 -12.61 -9.69
CA ASP A 87 6.50 -12.36 -8.90
C ASP A 87 5.46 -13.47 -9.06
N MSE A 88 5.35 -14.00 -10.28
CA MSE A 88 4.41 -15.08 -10.58
C MSE A 88 4.60 -16.32 -9.71
O MSE A 88 3.64 -17.06 -9.48
CB MSE A 88 4.59 -15.51 -12.03
CG MSE A 88 3.92 -14.58 -13.01
SE MSE A 88 4.49 -15.05 -14.80
CE MSE A 88 4.08 -16.90 -14.82
N LYS A 89 5.81 -16.58 -9.25
CA LYS A 89 6.09 -17.80 -8.50
C LYS A 89 5.40 -17.80 -7.13
N HIS A 90 4.98 -16.63 -6.64
CA HIS A 90 4.37 -16.50 -5.30
CA HIS A 90 4.39 -16.49 -5.30
C HIS A 90 2.93 -15.98 -5.28
N TRP A 91 2.27 -15.86 -6.45
CA TRP A 91 0.83 -15.52 -6.47
C TRP A 91 0.02 -16.78 -6.59
N PRO A 92 -1.18 -16.84 -5.98
CA PRO A 92 -1.97 -18.07 -6.14
C PRO A 92 -2.81 -18.14 -7.41
N PHE A 93 -2.93 -17.03 -8.10
CA PHE A 93 -3.64 -16.95 -9.37
C PHE A 93 -2.66 -17.10 -10.53
N ARG A 94 -3.18 -17.55 -11.67
CA ARG A 94 -2.37 -17.81 -12.88
C ARG A 94 -2.14 -16.53 -13.71
N VAL A 95 -0.94 -16.36 -14.26
CA VAL A 95 -0.63 -15.24 -15.16
C VAL A 95 -0.14 -15.88 -16.46
N VAL A 96 -0.69 -15.41 -17.57
CA VAL A 96 -0.42 -15.89 -18.88
C VAL A 96 0.02 -14.75 -19.80
N SER A 97 0.38 -15.09 -21.05
CA SER A 97 0.81 -14.11 -22.04
C SER A 97 -0.19 -13.93 -23.17
N GLU A 98 -0.38 -12.68 -23.63
CA GLU A 98 -1.18 -12.39 -24.83
C GLU A 98 -0.52 -11.24 -25.54
N GLY A 99 -0.01 -11.48 -26.76
CA GLY A 99 0.77 -10.45 -27.46
C GLY A 99 1.93 -9.91 -26.66
N GLY A 100 2.62 -10.79 -25.95
CA GLY A 100 3.73 -10.40 -25.09
C GLY A 100 3.39 -9.67 -23.78
N LYS A 101 2.11 -9.36 -23.54
CA LYS A 101 1.71 -8.71 -22.31
C LYS A 101 1.18 -9.75 -21.32
N PRO A 102 1.37 -9.49 -20.02
CA PRO A 102 0.78 -10.33 -18.98
C PRO A 102 -0.73 -10.11 -18.89
N LYS A 103 -1.46 -11.19 -18.63
CA LYS A 103 -2.85 -11.17 -18.27
C LYS A 103 -3.06 -12.09 -17.10
N VAL A 104 -4.00 -11.76 -16.22
CA VAL A 104 -4.38 -12.74 -15.18
C VAL A 104 -5.45 -13.67 -15.75
N GLN A 105 -5.40 -14.94 -15.37
CA GLN A 105 -6.38 -15.95 -15.81
CA GLN A 105 -6.39 -15.94 -15.82
C GLN A 105 -7.20 -16.42 -14.62
N VAL A 106 -8.52 -16.35 -14.74
CA VAL A 106 -9.41 -16.75 -13.65
C VAL A 106 -10.55 -17.59 -14.20
N GLU A 107 -11.28 -18.23 -13.30
CA GLU A 107 -12.57 -18.81 -13.63
C GLU A 107 -13.63 -17.81 -13.23
N TYR A 108 -14.61 -17.60 -14.09
CA TYR A 108 -15.67 -16.62 -13.85
C TYR A 108 -16.96 -17.11 -14.49
N LYS A 109 -18.03 -17.26 -13.69
CA LYS A 109 -19.29 -17.84 -14.19
C LYS A 109 -19.07 -19.18 -14.92
N GLY A 110 -18.17 -19.99 -14.40
CA GLY A 110 -17.92 -21.32 -14.95
C GLY A 110 -17.10 -21.41 -16.22
N GLU A 111 -16.49 -20.30 -16.62
CA GLU A 111 -15.63 -20.22 -17.82
C GLU A 111 -14.27 -19.58 -17.50
N THR A 112 -13.27 -19.93 -18.30
CA THR A 112 -11.94 -19.33 -18.17
C THR A 112 -11.90 -17.99 -18.89
N LYS A 113 -11.49 -16.95 -18.17
CA LYS A 113 -11.34 -15.60 -18.73
C LYS A 113 -9.97 -15.05 -18.38
N THR A 114 -9.47 -14.18 -19.25
CA THR A 114 -8.24 -13.45 -18.99
C THR A 114 -8.49 -11.94 -19.00
N PHE A 115 -7.75 -11.22 -18.15
CA PHE A 115 -7.86 -9.76 -18.03
C PHE A 115 -6.47 -9.12 -18.01
N PHE A 116 -6.32 -8.04 -18.77
CA PHE A 116 -5.12 -7.25 -18.71
C PHE A 116 -5.01 -6.54 -17.34
N PRO A 117 -3.77 -6.15 -16.94
CA PRO A 117 -3.63 -5.50 -15.64
C PRO A 117 -4.41 -4.20 -15.57
N GLU A 118 -4.45 -3.46 -16.69
CA GLU A 118 -5.20 -2.18 -16.75
CA GLU A 118 -5.17 -2.19 -16.69
C GLU A 118 -6.70 -2.40 -16.58
N GLU A 119 -7.22 -3.56 -17.01
CA GLU A 119 -8.62 -3.89 -16.77
C GLU A 119 -8.91 -4.14 -15.29
N ILE A 120 -8.02 -4.86 -14.63
CA ILE A 120 -8.16 -5.09 -13.17
C ILE A 120 -8.07 -3.76 -12.42
N SER A 121 -7.09 -2.97 -12.80
CA SER A 121 -6.91 -1.69 -12.17
C SER A 121 -8.08 -0.74 -12.46
N SER A 122 -8.70 -0.85 -13.63
CA SER A 122 -9.90 -0.04 -13.92
CA SER A 122 -9.88 -0.01 -13.90
C SER A 122 -11.04 -0.41 -13.00
N MSE A 123 -11.16 -1.70 -12.70
CA MSE A 123 -12.23 -2.15 -11.79
C MSE A 123 -12.04 -1.55 -10.38
O MSE A 123 -13.02 -1.09 -9.73
CB MSE A 123 -12.29 -3.69 -11.81
CG MSE A 123 -12.83 -4.22 -13.10
SE MSE A 123 -12.59 -6.17 -13.11
CE MSE A 123 -12.24 -6.43 -14.99
N VAL A 124 -10.79 -1.51 -9.92
CA VAL A 124 -10.44 -0.87 -8.63
C VAL A 124 -10.76 0.66 -8.73
N LEU A 125 -10.34 1.31 -9.81
CA LEU A 125 -10.64 2.79 -9.98
C LEU A 125 -12.11 3.10 -10.04
N THR A 126 -12.91 2.19 -10.64
CA THR A 126 -14.34 2.35 -10.67
C THR A 126 -14.91 2.32 -9.23
N LYS A 127 -14.37 1.45 -8.40
CA LYS A 127 -14.82 1.36 -6.99
C LYS A 127 -14.45 2.67 -6.30
N MSE A 128 -13.24 3.17 -6.54
CA MSE A 128 -12.80 4.44 -5.94
C MSE A 128 -13.72 5.61 -6.37
O MSE A 128 -14.06 6.47 -5.58
CB MSE A 128 -11.30 4.68 -6.21
CG MSE A 128 -10.33 3.58 -5.79
SE MSE A 128 -10.69 2.71 -4.03
CE MSE A 128 -10.11 4.19 -3.13
N LYS A 129 -14.12 5.64 -7.64
CA LYS A 129 -15.00 6.64 -8.21
C LYS A 129 -16.38 6.54 -7.55
N GLU A 130 -16.86 5.33 -7.34
CA GLU A 130 -18.17 5.09 -6.72
C GLU A 130 -18.16 5.55 -5.26
N ILE A 131 -17.06 5.26 -4.55
CA ILE A 131 -16.88 5.66 -3.15
CA ILE A 131 -16.82 5.68 -3.15
C ILE A 131 -16.95 7.20 -3.05
N ALA A 132 -16.30 7.89 -3.98
CA ALA A 132 -16.34 9.34 -4.02
C ALA A 132 -17.71 9.91 -4.36
N GLU A 133 -18.41 9.29 -5.33
CA GLU A 133 -19.75 9.71 -5.68
C GLU A 133 -20.75 9.48 -4.55
N ALA A 134 -20.60 8.39 -3.79
CA ALA A 134 -21.47 8.20 -2.61
C ALA A 134 -21.30 9.35 -1.57
N TYR A 135 -20.06 9.74 -1.40
CA TYR A 135 -19.70 10.78 -0.44
C TYR A 135 -20.14 12.18 -0.86
N LEU A 136 -19.93 12.47 -2.15
CA LEU A 136 -20.17 13.80 -2.70
C LEU A 136 -21.56 14.04 -3.27
N GLY A 137 -22.21 12.99 -3.77
CA GLY A 137 -23.41 13.17 -4.57
C GLY A 137 -22.98 13.41 -6.00
N GLY A 138 -23.86 13.13 -6.95
CA GLY A 138 -23.56 13.45 -8.35
C GLY A 138 -22.49 12.54 -8.95
N LYS A 139 -21.82 13.01 -9.99
CA LYS A 139 -20.79 12.23 -10.67
C LYS A 139 -19.42 12.89 -10.57
N VAL A 140 -18.41 12.06 -10.52
CA VAL A 140 -17.03 12.49 -10.50
C VAL A 140 -16.51 12.31 -11.93
N HIS A 141 -15.77 13.31 -12.44
CA HIS A 141 -15.34 13.41 -13.86
CA HIS A 141 -15.34 13.27 -13.83
C HIS A 141 -13.82 13.22 -14.03
N SER A 142 -13.06 13.78 -13.08
CA SER A 142 -11.62 13.91 -13.22
C SER A 142 -10.89 13.44 -11.96
N ALA A 143 -9.61 13.11 -12.10
CA ALA A 143 -8.79 12.66 -10.99
C ALA A 143 -7.33 12.87 -11.34
N VAL A 144 -6.53 13.04 -10.29
CA VAL A 144 -5.10 12.85 -10.36
C VAL A 144 -4.83 11.47 -9.78
N ILE A 145 -4.07 10.65 -10.51
CA ILE A 145 -3.68 9.32 -10.03
C ILE A 145 -2.17 9.31 -9.83
N THR A 146 -1.75 8.66 -8.73
CA THR A 146 -0.33 8.57 -8.37
C THR A 146 0.30 7.22 -8.78
N VAL A 147 1.60 7.26 -9.05
CA VAL A 147 2.45 6.06 -9.36
C VAL A 147 3.80 6.15 -8.63
N PRO A 148 4.50 5.02 -8.49
CA PRO A 148 5.86 5.07 -7.95
C PRO A 148 6.78 5.88 -8.84
N ALA A 149 7.73 6.57 -8.21
CA ALA A 149 8.66 7.42 -8.90
C ALA A 149 9.46 6.66 -9.96
N TYR A 150 9.69 5.37 -9.72
CA TYR A 150 10.45 4.52 -10.64
C TYR A 150 9.64 4.01 -11.84
N PHE A 151 8.33 4.27 -11.91
CA PHE A 151 7.52 3.83 -13.04
C PHE A 151 8.01 4.49 -14.33
N ASN A 152 8.12 3.68 -15.38
CA ASN A 152 8.52 4.14 -16.70
C ASN A 152 7.26 4.63 -17.47
N ASP A 153 7.44 5.06 -18.72
CA ASP A 153 6.31 5.64 -19.46
C ASP A 153 5.26 4.63 -19.82
N SER A 154 5.66 3.38 -20.09
CA SER A 154 4.67 2.33 -20.38
C SER A 154 3.76 2.11 -19.18
N GLN A 155 4.40 2.04 -18.00
CA GLN A 155 3.67 1.85 -16.74
C GLN A 155 2.73 3.02 -16.44
N ARG A 156 3.20 4.22 -16.67
CA ARG A 156 2.40 5.40 -16.46
C ARG A 156 1.22 5.46 -17.44
N GLN A 157 1.48 5.17 -18.72
CA GLN A 157 0.40 5.16 -19.71
C GLN A 157 -0.64 4.09 -19.43
N ALA A 158 -0.23 2.91 -18.95
CA ALA A 158 -1.18 1.83 -18.71
C ALA A 158 -2.04 2.19 -17.50
N THR A 159 -1.47 2.92 -16.57
CA THR A 159 -2.25 3.38 -15.39
C THR A 159 -3.28 4.42 -15.86
N LYS A 160 -2.89 5.33 -16.74
CA LYS A 160 -3.82 6.31 -17.28
C LYS A 160 -4.93 5.62 -18.09
N ASP A 161 -4.58 4.59 -18.87
CA ASP A 161 -5.57 3.73 -19.58
C ASP A 161 -6.59 3.08 -18.66
N ALA A 162 -6.15 2.60 -17.49
CA ALA A 162 -7.06 2.11 -16.46
C ALA A 162 -8.10 3.18 -16.10
N GLY A 163 -7.61 4.39 -15.87
CA GLY A 163 -8.53 5.50 -15.60
C GLY A 163 -9.48 5.80 -16.75
N THR A 164 -8.95 5.85 -17.97
CA THR A 164 -9.76 6.06 -19.18
C THR A 164 -10.87 5.06 -19.35
N ILE A 165 -10.55 3.77 -19.16
CA ILE A 165 -11.55 2.70 -19.21
C ILE A 165 -12.67 2.89 -18.17
N THR A 166 -12.27 3.37 -16.99
CA THR A 166 -13.20 3.74 -15.91
C THR A 166 -14.12 4.94 -16.28
N GLY A 167 -13.70 5.77 -17.22
CA GLY A 167 -14.43 6.99 -17.55
C GLY A 167 -14.00 8.21 -16.73
N LEU A 168 -12.75 8.21 -16.26
CA LEU A 168 -12.16 9.38 -15.60
C LEU A 168 -11.28 10.13 -16.60
N ASN A 169 -11.44 11.45 -16.65
CA ASN A 169 -10.42 12.33 -17.23
C ASN A 169 -9.21 12.39 -16.28
N VAL A 170 -8.10 11.75 -16.66
CA VAL A 170 -6.91 11.74 -15.79
C VAL A 170 -6.15 13.02 -16.05
N LEU A 171 -6.24 13.93 -15.09
CA LEU A 171 -5.66 15.24 -15.20
C LEU A 171 -4.15 15.13 -15.28
N ARG A 172 -3.59 14.25 -14.48
CA ARG A 172 -2.14 14.05 -14.45
C ARG A 172 -1.85 12.76 -13.69
N ILE A 173 -0.80 12.07 -14.10
CA ILE A 173 -0.17 11.03 -13.31
C ILE A 173 1.03 11.69 -12.63
N ILE A 174 1.05 11.69 -11.32
CA ILE A 174 2.18 12.27 -10.56
C ILE A 174 2.81 11.18 -9.67
N ASN A 175 4.06 11.41 -9.27
CA ASN A 175 4.78 10.49 -8.43
C ASN A 175 4.26 10.46 -6.99
N GLU A 176 4.20 9.27 -6.43
CA GLU A 176 3.74 9.07 -5.05
C GLU A 176 4.55 9.93 -4.05
N PRO A 177 5.90 9.97 -4.16
CA PRO A 177 6.65 10.78 -3.18
C PRO A 177 6.36 12.29 -3.33
N THR A 178 6.12 12.73 -4.56
CA THR A 178 5.77 14.13 -4.87
C THR A 178 4.42 14.50 -4.26
N ALA A 179 3.46 13.61 -4.39
CA ALA A 179 2.14 13.75 -3.76
C ALA A 179 2.25 13.86 -2.24
N ALA A 180 3.09 13.04 -1.60
CA ALA A 180 3.30 13.14 -0.16
C ALA A 180 3.91 14.48 0.27
N ALA A 181 4.86 14.99 -0.51
CA ALA A 181 5.45 16.28 -0.25
C ALA A 181 4.41 17.41 -0.41
N ILE A 182 3.59 17.34 -1.46
CA ILE A 182 2.52 18.32 -1.68
C ILE A 182 1.54 18.35 -0.52
N ALA A 183 1.21 17.18 0.03
CA ALA A 183 0.30 17.05 1.15
C ALA A 183 0.78 17.86 2.32
N TYR A 184 2.09 17.88 2.55
CA TYR A 184 2.67 18.63 3.66
C TYR A 184 3.03 20.06 3.31
N GLY A 185 2.56 20.53 2.17
CA GLY A 185 2.82 21.90 1.76
C GLY A 185 4.28 22.22 1.56
N LEU A 186 5.11 21.21 1.27
CA LEU A 186 6.57 21.42 1.31
C LEU A 186 7.04 22.26 0.14
N ASP A 187 6.25 22.29 -0.93
CA ASP A 187 6.53 23.22 -2.03
C ASP A 187 6.34 24.73 -1.69
N LYS A 188 5.56 25.03 -0.65
CA LYS A 188 5.30 26.42 -0.21
C LYS A 188 6.18 26.84 1.00
N LYS A 189 6.56 25.88 1.84
CA LYS A 189 7.23 26.14 3.13
C LYS A 189 8.54 26.93 3.00
N GLY A 194 14.44 29.12 -2.50
CA GLY A 194 15.57 28.23 -2.19
C GLY A 194 15.24 26.76 -2.41
N GLU A 195 16.27 25.92 -2.40
CA GLU A 195 16.16 24.49 -2.68
C GLU A 195 15.96 23.68 -1.38
N LYS A 196 15.05 22.72 -1.42
CA LYS A 196 14.80 21.91 -0.27
C LYS A 196 15.03 20.47 -0.71
N ASN A 197 15.84 19.74 0.05
CA ASN A 197 16.01 18.28 -0.11
C ASN A 197 15.06 17.56 0.83
N VAL A 198 14.21 16.69 0.27
CA VAL A 198 13.16 16.02 0.99
C VAL A 198 13.33 14.51 0.84
N LEU A 199 13.30 13.77 1.95
CA LEU A 199 13.37 12.31 1.88
C LEU A 199 11.98 11.76 2.22
N ILE A 200 11.43 10.91 1.34
CA ILE A 200 10.15 10.24 1.55
CA ILE A 200 10.16 10.24 1.60
C ILE A 200 10.45 8.77 1.92
N PHE A 201 10.00 8.34 3.08
CA PHE A 201 10.22 6.98 3.60
C PHE A 201 8.83 6.31 3.62
N ASP A 202 8.62 5.41 2.65
CA ASP A 202 7.28 4.85 2.34
C ASP A 202 7.35 3.34 2.54
N LEU A 203 6.79 2.90 3.67
CA LEU A 203 6.79 1.51 4.06
C LEU A 203 5.36 1.06 4.28
N GLY A 204 4.85 0.33 3.30
CA GLY A 204 3.47 -0.13 3.25
C GLY A 204 3.38 -1.59 3.68
N GLY A 205 2.37 -2.28 3.17
CA GLY A 205 2.13 -3.69 3.56
C GLY A 205 3.07 -4.66 2.87
N GLY A 206 3.47 -4.28 1.64
CA GLY A 206 4.25 -5.13 0.78
C GLY A 206 5.41 -4.52 0.02
N THR A 207 5.58 -3.19 0.07
CA THR A 207 6.69 -2.53 -0.64
C THR A 207 7.34 -1.47 0.28
N PHE A 208 8.62 -1.23 0.04
CA PHE A 208 9.37 -0.21 0.75
C PHE A 208 10.06 0.66 -0.29
N ASP A 209 9.74 1.95 -0.32
CA ASP A 209 10.34 2.88 -1.27
C ASP A 209 10.91 4.07 -0.52
N VAL A 210 12.19 4.38 -0.73
CA VAL A 210 12.82 5.61 -0.24
C VAL A 210 13.09 6.48 -1.46
N SER A 211 12.69 7.75 -1.42
CA SER A 211 12.92 8.67 -2.53
C SER A 211 13.49 9.98 -1.98
N ILE A 212 14.45 10.56 -2.67
CA ILE A 212 15.00 11.87 -2.26
C ILE A 212 14.61 12.79 -3.41
N LEU A 213 13.88 13.85 -3.07
CA LEU A 213 13.44 14.85 -4.04
C LEU A 213 14.05 16.19 -3.71
N THR A 214 14.24 17.02 -4.74
CA THR A 214 14.51 18.43 -4.53
CA THR A 214 14.51 18.45 -4.54
C THR A 214 13.28 19.24 -4.96
N ILE A 215 12.97 20.30 -4.21
CA ILE A 215 11.84 21.18 -4.49
C ILE A 215 12.42 22.56 -4.51
N GLU A 216 12.12 23.29 -5.58
CA GLU A 216 12.54 24.69 -5.72
C GLU A 216 11.55 25.45 -6.61
N ASP A 217 11.07 26.60 -6.14
CA ASP A 217 10.13 27.43 -6.90
C ASP A 217 8.96 26.56 -7.38
N GLY A 218 8.51 25.65 -6.50
CA GLY A 218 7.38 24.77 -6.79
C GLY A 218 7.63 23.64 -7.77
N ILE A 219 8.87 23.44 -8.20
CA ILE A 219 9.22 22.39 -9.17
C ILE A 219 9.94 21.24 -8.42
N PHE A 220 9.48 20.01 -8.62
CA PHE A 220 10.07 18.79 -7.99
C PHE A 220 10.95 18.06 -8.95
N GLU A 221 12.11 17.59 -8.47
CA GLU A 221 12.95 16.70 -9.24
C GLU A 221 13.25 15.48 -8.35
N VAL A 222 13.12 14.29 -8.90
CA VAL A 222 13.56 13.09 -8.17
C VAL A 222 15.07 12.91 -8.35
N LYS A 223 15.79 12.84 -7.25
CA LYS A 223 17.25 12.74 -7.29
C LYS A 223 17.71 11.31 -7.12
N SER A 224 16.98 10.53 -6.32
CA SER A 224 17.32 9.10 -6.15
C SER A 224 16.18 8.28 -5.59
N THR A 225 16.22 6.97 -5.83
CA THR A 225 15.25 6.05 -5.26
C THR A 225 15.97 4.81 -4.76
N ALA A 226 15.40 4.19 -3.75
CA ALA A 226 15.95 2.96 -3.24
C ALA A 226 14.86 2.21 -2.54
N GLY A 227 15.15 0.99 -2.10
CA GLY A 227 14.18 0.28 -1.29
C GLY A 227 14.19 -1.21 -1.45
N ASP A 228 13.03 -1.81 -1.25
CA ASP A 228 12.87 -3.27 -1.31
C ASP A 228 11.46 -3.55 -1.78
N THR A 229 11.31 -4.14 -2.96
CA THR A 229 9.96 -4.30 -3.51
C THR A 229 9.10 -5.39 -2.85
N HIS A 230 9.68 -6.18 -1.92
CA HIS A 230 8.97 -7.22 -1.17
C HIS A 230 9.30 -7.15 0.33
N LEU A 231 9.13 -5.98 0.91
CA LEU A 231 9.25 -5.81 2.33
C LEU A 231 8.07 -5.00 2.77
N GLY A 232 7.35 -5.49 3.76
CA GLY A 232 6.38 -4.65 4.44
C GLY A 232 5.80 -5.25 5.70
N GLY A 233 4.67 -4.69 6.09
CA GLY A 233 3.89 -5.17 7.23
C GLY A 233 3.61 -6.66 7.31
N GLU A 234 3.38 -7.30 6.16
CA GLU A 234 3.17 -8.75 6.13
C GLU A 234 4.37 -9.53 6.69
N ASP A 235 5.58 -9.02 6.47
CA ASP A 235 6.78 -9.67 6.97
C ASP A 235 6.88 -9.59 8.49
N PHE A 236 6.54 -8.43 9.03
CA PHE A 236 6.52 -8.22 10.49
C PHE A 236 5.49 -9.11 11.19
N ASP A 237 4.31 -9.22 10.60
CA ASP A 237 3.28 -10.17 11.09
C ASP A 237 3.72 -11.63 11.12
N ASN A 238 4.41 -12.07 10.09
CA ASN A 238 4.87 -13.45 10.02
C ASN A 238 5.87 -13.81 11.12
N ARG A 239 6.73 -12.87 11.50
CA ARG A 239 7.59 -13.08 12.64
C ARG A 239 6.78 -13.35 13.90
N MSE A 240 5.71 -12.60 14.09
N MSE A 240 5.70 -12.61 14.08
CA MSE A 240 4.83 -12.83 15.26
CA MSE A 240 4.81 -12.82 15.22
C MSE A 240 4.13 -14.19 15.16
C MSE A 240 4.14 -14.18 15.16
O MSE A 240 4.00 -14.91 16.17
O MSE A 240 4.02 -14.88 16.16
CB MSE A 240 3.78 -11.71 15.43
CB MSE A 240 3.73 -11.74 15.26
CG MSE A 240 3.03 -11.83 16.78
CG MSE A 240 4.23 -10.34 15.05
SE MSE A 240 1.59 -10.58 17.10
SE MSE A 240 2.75 -9.09 15.06
CE MSE A 240 2.51 -8.91 16.85
CE MSE A 240 2.32 -9.17 16.96
N VAL A 241 3.70 -14.55 13.96
CA VAL A 241 3.01 -15.86 13.74
C VAL A 241 3.87 -17.03 14.19
N SER A 242 5.13 -17.06 13.77
CA SER A 242 6.04 -18.14 14.16
C SER A 242 6.20 -18.25 15.67
N HIS A 243 6.36 -17.08 16.30
CA HIS A 243 6.53 -16.98 17.74
C HIS A 243 5.32 -17.53 18.49
N LEU A 244 4.14 -17.10 18.09
CA LEU A 244 2.94 -17.48 18.80
C LEU A 244 2.56 -18.91 18.46
N ALA A 245 2.88 -19.39 17.26
CA ALA A 245 2.65 -20.82 16.94
C ALA A 245 3.49 -21.70 17.86
N GLU A 246 4.73 -21.30 18.10
CA GLU A 246 5.58 -22.03 19.08
C GLU A 246 5.02 -21.99 20.50
N GLU A 247 4.48 -20.84 20.88
CA GLU A 247 3.89 -20.72 22.21
C GLU A 247 2.70 -21.68 22.35
N PHE A 248 1.85 -21.72 21.34
CA PHE A 248 0.69 -22.65 21.33
C PHE A 248 1.14 -24.11 21.49
N LYS A 249 2.20 -24.48 20.77
CA LYS A 249 2.77 -25.80 20.85
C LYS A 249 3.36 -26.09 22.25
N ARG A 250 4.05 -25.12 22.82
CA ARG A 250 4.56 -25.25 24.18
C ARG A 250 3.41 -25.44 25.20
N LYS A 251 2.39 -24.60 25.15
CA LYS A 251 1.28 -24.63 26.13
C LYS A 251 0.26 -25.74 25.93
N HIS A 252 -0.03 -26.13 24.70
CA HIS A 252 -1.10 -27.12 24.45
C HIS A 252 -0.68 -28.34 23.66
N LYS A 253 0.61 -28.45 23.36
CA LYS A 253 1.19 -29.64 22.75
C LYS A 253 0.49 -29.98 21.43
N LYS A 254 0.21 -28.94 20.66
CA LYS A 254 -0.37 -29.12 19.34
C LYS A 254 0.38 -28.24 18.37
N ASP A 255 0.67 -28.82 17.20
CA ASP A 255 1.44 -28.15 16.19
C ASP A 255 0.48 -27.73 15.09
N ILE A 256 0.24 -26.42 14.99
CA ILE A 256 -0.66 -25.91 13.97
C ILE A 256 0.02 -25.74 12.61
N GLY A 257 1.33 -25.96 12.55
CA GLY A 257 2.11 -25.65 11.35
C GLY A 257 1.52 -26.23 10.07
N PRO A 258 1.19 -27.52 10.08
CA PRO A 258 0.63 -28.21 8.91
C PRO A 258 -0.82 -27.86 8.53
N ASN A 259 -1.51 -27.07 9.36
CA ASN A 259 -2.93 -26.73 9.17
C ASN A 259 -3.11 -25.31 8.69
N LYS A 260 -3.46 -25.16 7.41
CA LYS A 260 -3.40 -23.81 6.84
C LYS A 260 -4.47 -22.86 7.38
N ARG A 261 -5.64 -23.40 7.77
CA ARG A 261 -6.68 -22.55 8.37
C ARG A 261 -6.22 -21.97 9.72
N ALA A 262 -5.67 -22.82 10.59
CA ALA A 262 -5.17 -22.36 11.88
C ALA A 262 -4.04 -21.32 11.72
N VAL A 263 -3.10 -21.53 10.79
CA VAL A 263 -2.06 -20.53 10.56
C VAL A 263 -2.64 -19.22 10.07
N ARG A 264 -3.60 -19.29 9.14
CA ARG A 264 -4.23 -18.12 8.63
C ARG A 264 -4.97 -17.31 9.73
N ARG A 265 -5.66 -18.01 10.62
CA ARG A 265 -6.38 -17.37 11.72
C ARG A 265 -5.40 -16.71 12.70
N LEU A 266 -4.29 -17.39 13.01
CA LEU A 266 -3.25 -16.77 13.83
C LEU A 266 -2.67 -15.52 13.13
N ARG A 267 -2.46 -15.58 11.82
CA ARG A 267 -1.92 -14.40 11.10
C ARG A 267 -2.87 -13.22 11.15
N THR A 268 -4.16 -13.49 11.02
CA THR A 268 -5.20 -12.45 11.11
C THR A 268 -5.11 -11.79 12.47
N ALA A 269 -5.04 -12.62 13.51
CA ALA A 269 -4.95 -12.11 14.88
C ALA A 269 -3.67 -11.29 15.08
N CYS A 270 -2.54 -11.81 14.59
CA CYS A 270 -1.25 -11.09 14.68
C CYS A 270 -1.25 -9.74 13.96
N GLU A 271 -1.88 -9.67 12.79
CA GLU A 271 -1.97 -8.40 12.03
CA GLU A 271 -2.02 -8.42 12.02
C GLU A 271 -2.66 -7.33 12.87
N ARG A 272 -3.76 -7.69 13.52
CA ARG A 272 -4.49 -6.74 14.39
C ARG A 272 -3.67 -6.37 15.62
N ALA A 273 -3.07 -7.36 16.27
CA ALA A 273 -2.20 -7.09 17.43
C ALA A 273 -1.09 -6.09 17.08
N LYS A 274 -0.45 -6.27 15.92
CA LYS A 274 0.58 -5.37 15.45
C LYS A 274 0.08 -3.92 15.36
N ARG A 275 -1.14 -3.74 14.85
CA ARG A 275 -1.73 -2.40 14.77
C ARG A 275 -1.86 -1.81 16.14
N THR A 276 -2.42 -2.59 17.07
CA THR A 276 -2.53 -2.17 18.48
C THR A 276 -1.19 -1.78 19.11
N LEU A 277 -0.13 -2.51 18.80
CA LEU A 277 1.19 -2.24 19.36
C LEU A 277 1.83 -0.94 18.87
N SER A 278 1.29 -0.33 17.82
CA SER A 278 1.76 1.00 17.41
C SER A 278 1.27 2.08 18.36
N SER A 279 0.20 1.82 19.11
CA SER A 279 -0.29 2.81 20.08
C SER A 279 -0.42 2.37 21.56
N SER A 280 -0.35 1.07 21.82
CA SER A 280 -0.23 0.53 23.19
C SER A 280 1.00 -0.35 23.34
N THR A 281 1.37 -0.65 24.57
CA THR A 281 2.60 -1.40 24.83
C THR A 281 2.31 -2.90 24.91
N GLN A 282 1.04 -3.29 24.81
CA GLN A 282 0.64 -4.71 24.72
C GLN A 282 -0.65 -4.87 23.96
N ALA A 283 -0.89 -6.10 23.51
CA ALA A 283 -2.04 -6.45 22.72
C ALA A 283 -2.49 -7.85 23.13
N SER A 284 -3.79 -8.09 23.10
CA SER A 284 -4.35 -9.39 23.45
CA SER A 284 -4.33 -9.39 23.43
C SER A 284 -4.80 -10.15 22.19
N ILE A 285 -4.45 -11.43 22.13
CA ILE A 285 -4.87 -12.36 21.07
C ILE A 285 -5.97 -13.20 21.68
N GLU A 286 -7.12 -13.30 21.00
CA GLU A 286 -8.28 -14.03 21.51
CA GLU A 286 -8.27 -14.05 21.51
C GLU A 286 -8.88 -14.88 20.39
N ILE A 287 -8.40 -16.12 20.22
CA ILE A 287 -8.92 -17.00 19.15
C ILE A 287 -9.68 -18.17 19.73
N ASP A 288 -10.98 -18.28 19.43
CA ASP A 288 -11.76 -19.44 19.87
C ASP A 288 -11.46 -20.63 18.96
N SER A 289 -11.36 -21.81 19.56
CA SER A 289 -11.20 -23.07 18.84
C SER A 289 -10.13 -22.95 17.72
N LEU A 290 -8.91 -22.60 18.11
CA LEU A 290 -7.83 -22.48 17.13
C LEU A 290 -7.47 -23.80 16.54
N TYR A 291 -7.46 -24.84 17.37
CA TYR A 291 -7.02 -26.14 16.93
C TYR A 291 -7.57 -27.23 17.84
N GLU A 292 -8.30 -28.18 17.26
CA GLU A 292 -8.87 -29.31 18.04
C GLU A 292 -9.66 -28.84 19.24
N GLY A 293 -10.47 -27.80 19.07
CA GLY A 293 -11.33 -27.30 20.16
C GLY A 293 -10.63 -26.48 21.25
N VAL A 294 -9.33 -26.27 21.10
CA VAL A 294 -8.52 -25.51 22.05
C VAL A 294 -8.45 -24.04 21.69
N ASP A 295 -8.89 -23.21 22.62
CA ASP A 295 -8.82 -21.76 22.46
C ASP A 295 -7.38 -21.28 22.63
N PHE A 296 -7.05 -20.17 22.00
CA PHE A 296 -5.75 -19.51 22.22
C PHE A 296 -5.94 -18.05 22.58
N TYR A 297 -5.85 -17.79 23.89
CA TYR A 297 -5.94 -16.45 24.44
C TYR A 297 -4.59 -16.13 25.02
N THR A 298 -3.95 -15.06 24.54
CA THR A 298 -2.63 -14.71 25.02
C THR A 298 -2.41 -13.22 24.85
N SER A 299 -1.21 -12.78 25.21
CA SER A 299 -0.87 -11.35 25.12
C SER A 299 0.57 -11.27 24.63
N ILE A 300 0.87 -10.21 23.91
CA ILE A 300 2.20 -9.97 23.35
C ILE A 300 2.54 -8.50 23.61
N THR A 301 3.76 -8.25 24.07
CA THR A 301 4.19 -6.89 24.41
C THR A 301 4.83 -6.26 23.17
N ARG A 302 4.84 -4.94 23.10
CA ARG A 302 5.59 -4.22 22.05
C ARG A 302 7.07 -4.59 22.05
N ALA A 303 7.64 -4.77 23.23
CA ALA A 303 9.05 -5.12 23.32
C ALA A 303 9.35 -6.46 22.63
N ARG A 304 8.50 -7.46 22.83
CA ARG A 304 8.78 -8.74 22.18
CA ARG A 304 8.66 -8.76 22.18
C ARG A 304 8.56 -8.60 20.67
N PHE A 305 7.55 -7.84 20.25
CA PHE A 305 7.33 -7.58 18.79
C PHE A 305 8.57 -6.93 18.16
N GLU A 306 9.16 -5.95 18.84
CA GLU A 306 10.36 -5.29 18.30
C GLU A 306 11.53 -6.25 18.22
N GLU A 307 11.67 -7.09 19.25
CA GLU A 307 12.75 -8.03 19.28
C GLU A 307 12.63 -9.06 18.16
N LEU A 308 11.41 -9.55 17.88
CA LEU A 308 11.19 -10.52 16.81
C LEU A 308 11.50 -9.98 15.43
N ASN A 309 11.49 -8.66 15.29
CA ASN A 309 11.71 -7.99 14.04
C ASN A 309 12.95 -7.10 13.97
N ALA A 310 13.89 -7.33 14.87
CA ALA A 310 15.09 -6.47 14.99
C ALA A 310 15.83 -6.24 13.69
N ASP A 311 16.03 -7.29 12.91
CA ASP A 311 16.74 -7.19 11.64
C ASP A 311 15.95 -6.42 10.59
N LEU A 312 14.65 -6.65 10.56
CA LEU A 312 13.83 -6.05 9.52
C LEU A 312 13.74 -4.53 9.77
N PHE A 313 13.63 -4.12 11.04
CA PHE A 313 13.44 -2.72 11.38
C PHE A 313 14.74 -1.94 11.13
N ARG A 314 15.87 -2.38 11.72
CA ARG A 314 17.15 -1.71 11.50
CA ARG A 314 17.12 -1.66 11.49
C ARG A 314 17.55 -1.76 10.03
N GLY A 315 17.17 -2.84 9.35
CA GLY A 315 17.53 -3.00 7.95
C GLY A 315 16.93 -1.95 7.01
N THR A 316 15.87 -1.27 7.46
CA THR A 316 15.29 -0.20 6.65
C THR A 316 16.18 1.02 6.51
N LEU A 317 17.22 1.16 7.34
CA LEU A 317 18.16 2.25 7.16
C LEU A 317 19.07 2.08 5.97
N GLU A 318 19.25 0.86 5.45
CA GLU A 318 20.23 0.63 4.39
CA GLU A 318 20.25 0.68 4.41
C GLU A 318 19.80 1.32 3.10
N PRO A 319 18.51 1.21 2.74
CA PRO A 319 18.07 1.95 1.54
C PRO A 319 18.13 3.46 1.70
N VAL A 320 17.93 3.95 2.92
CA VAL A 320 18.14 5.36 3.20
C VAL A 320 19.57 5.76 2.90
N GLU A 321 20.54 4.99 3.41
CA GLU A 321 21.93 5.27 3.13
C GLU A 321 22.25 5.23 1.62
N LYS A 322 21.63 4.27 0.92
CA LYS A 322 21.87 4.13 -0.51
C LYS A 322 21.28 5.28 -1.31
N ALA A 323 20.05 5.70 -0.99
CA ALA A 323 19.45 6.86 -1.64
C ALA A 323 20.31 8.10 -1.48
N LEU A 324 20.83 8.29 -0.27
CA LEU A 324 21.70 9.43 0.01
C LEU A 324 22.98 9.36 -0.84
N ARG A 325 23.57 8.18 -0.91
CA ARG A 325 24.80 7.97 -1.69
C ARG A 325 24.55 8.34 -3.16
N ASP A 326 23.47 7.80 -3.72
CA ASP A 326 23.10 8.06 -5.11
C ASP A 326 22.72 9.51 -5.35
N ALA A 327 22.16 10.18 -4.35
CA ALA A 327 21.85 11.59 -4.47
C ALA A 327 23.09 12.48 -4.23
N LYS A 328 24.20 11.88 -3.80
CA LYS A 328 25.43 12.61 -3.47
C LYS A 328 25.15 13.65 -2.38
N LEU A 329 24.29 13.23 -1.43
CA LEU A 329 23.97 14.04 -0.25
C LEU A 329 24.47 13.38 1.03
N ASP A 330 24.95 14.23 1.94
CA ASP A 330 25.16 13.87 3.33
C ASP A 330 23.81 13.88 4.03
N LYS A 331 23.66 13.06 5.07
CA LYS A 331 22.37 12.98 5.75
C LYS A 331 21.94 14.30 6.37
N GLY A 332 22.90 15.13 6.72
CA GLY A 332 22.61 16.45 7.25
C GLY A 332 22.04 17.44 6.24
N GLN A 333 22.07 17.10 4.94
CA GLN A 333 21.59 17.99 3.90
C GLN A 333 20.13 17.74 3.59
N ILE A 334 19.50 16.78 4.25
CA ILE A 334 18.03 16.56 4.13
C ILE A 334 17.27 17.53 5.04
N GLN A 335 16.42 18.36 4.44
CA GLN A 335 15.65 19.38 5.21
C GLN A 335 14.33 18.87 5.81
N GLU A 336 13.76 17.84 5.20
CA GLU A 336 12.46 17.34 5.61
C GLU A 336 12.41 15.86 5.33
N ILE A 337 11.84 15.14 6.28
CA ILE A 337 11.63 13.70 6.15
C ILE A 337 10.12 13.47 6.26
N VAL A 338 9.55 12.71 5.34
CA VAL A 338 8.09 12.48 5.30
C VAL A 338 7.80 10.97 5.40
N LEU A 339 6.91 10.62 6.33
CA LEU A 339 6.47 9.22 6.52
C LEU A 339 5.19 8.86 5.74
N VAL A 340 5.31 7.83 4.94
CA VAL A 340 4.20 7.33 4.11
C VAL A 340 4.11 5.84 4.39
N GLY A 341 2.90 5.30 4.44
CA GLY A 341 2.68 3.87 4.56
C GLY A 341 2.33 3.49 6.00
N GLY A 342 1.43 2.51 6.15
CA GLY A 342 0.93 2.17 7.49
C GLY A 342 2.03 1.70 8.44
N SER A 343 3.07 1.06 7.93
CA SER A 343 4.14 0.53 8.79
C SER A 343 5.01 1.60 9.43
N THR A 344 4.92 2.84 8.95
CA THR A 344 5.69 3.92 9.54
C THR A 344 5.10 4.41 10.83
N ARG A 345 3.92 3.94 11.18
CA ARG A 345 3.37 4.16 12.51
C ARG A 345 4.10 3.42 13.65
N ILE A 346 4.87 2.40 13.32
CA ILE A 346 5.60 1.59 14.29
C ILE A 346 6.64 2.42 15.03
N PRO A 347 6.47 2.57 16.35
CA PRO A 347 7.38 3.44 17.07
C PRO A 347 8.86 3.13 16.86
N LYS A 348 9.23 1.86 16.84
CA LYS A 348 10.64 1.52 16.73
C LYS A 348 11.21 2.00 15.41
N ILE A 349 10.44 1.95 14.33
CA ILE A 349 10.89 2.40 13.02
C ILE A 349 11.08 3.94 13.00
N GLN A 350 10.14 4.65 13.59
CA GLN A 350 10.32 6.10 13.81
C GLN A 350 11.58 6.45 14.62
N LYS A 351 11.79 5.76 15.74
CA LYS A 351 12.94 6.02 16.58
C LYS A 351 14.24 5.76 15.81
N LEU A 352 14.30 4.67 15.04
CA LEU A 352 15.52 4.34 14.32
C LEU A 352 15.85 5.42 13.28
N LEU A 353 14.80 5.89 12.59
CA LEU A 353 14.97 6.89 11.54
C LEU A 353 15.36 8.26 12.11
N GLN A 354 14.68 8.68 13.18
CA GLN A 354 15.00 9.91 13.87
C GLN A 354 16.46 9.90 14.40
N ASP A 355 16.87 8.84 15.09
CA ASP A 355 18.27 8.71 15.51
C ASP A 355 19.27 8.76 14.35
N PHE A 356 18.93 8.12 13.22
CA PHE A 356 19.84 8.11 12.07
C PHE A 356 20.07 9.56 11.60
N PHE A 357 19.00 10.33 11.67
CA PHE A 357 19.01 11.74 11.27
C PHE A 357 19.27 12.71 12.45
N ASN A 358 19.95 12.21 13.48
CA ASN A 358 20.52 13.09 14.52
C ASN A 358 19.45 13.85 15.29
N GLY A 359 18.31 13.20 15.49
CA GLY A 359 17.18 13.71 16.30
C GLY A 359 16.15 14.56 15.56
N LYS A 360 16.30 14.71 14.25
CA LYS A 360 15.41 15.55 13.46
C LYS A 360 13.97 15.05 13.55
N GLU A 361 13.04 15.98 13.72
CA GLU A 361 11.59 15.66 13.73
C GLU A 361 11.11 15.20 12.33
N LEU A 362 10.19 14.25 12.31
CA LEU A 362 9.65 13.68 11.07
C LEU A 362 8.28 14.27 10.81
N ASN A 363 7.95 14.46 9.55
CA ASN A 363 6.62 14.84 9.14
C ASN A 363 5.68 13.63 9.16
N LYS A 364 4.77 13.61 10.11
CA LYS A 364 3.93 12.45 10.34
C LYS A 364 2.52 12.78 10.79
N SER A 365 2.10 14.04 10.74
CA SER A 365 0.79 14.45 11.28
C SER A 365 -0.40 14.04 10.36
N ILE A 366 -0.12 13.74 9.10
CA ILE A 366 -1.14 13.20 8.19
C ILE A 366 -1.08 11.68 8.28
N ASN A 367 -2.22 11.02 8.40
CA ASN A 367 -2.24 9.55 8.48
CA ASN A 367 -2.24 9.55 8.48
C ASN A 367 -1.36 9.02 7.34
N PRO A 368 -0.35 8.19 7.67
CA PRO A 368 0.60 7.87 6.61
C PRO A 368 0.03 7.01 5.46
N ASP A 369 -1.06 6.27 5.73
CA ASP A 369 -1.88 5.51 4.76
CA ASP A 369 -1.71 5.53 4.64
C ASP A 369 -2.66 6.42 3.79
N GLU A 370 -2.78 7.69 4.16
CA GLU A 370 -3.62 8.65 3.45
C GLU A 370 -2.89 9.80 2.75
N ALA A 371 -1.62 10.03 3.12
CA ALA A 371 -0.86 11.19 2.67
C ALA A 371 -0.69 11.30 1.16
N VAL A 372 -0.48 10.18 0.46
CA VAL A 372 -0.43 10.19 -1.00
C VAL A 372 -1.75 10.63 -1.65
N ALA A 373 -2.88 10.03 -1.26
CA ALA A 373 -4.16 10.48 -1.79
C ALA A 373 -4.41 11.96 -1.47
N TYR A 374 -4.03 12.38 -0.27
CA TYR A 374 -4.21 13.76 0.19
C TYR A 374 -3.51 14.75 -0.78
N GLY A 375 -2.25 14.47 -1.06
CA GLY A 375 -1.47 15.28 -1.97
C GLY A 375 -2.00 15.26 -3.39
N ALA A 376 -2.44 14.10 -3.84
CA ALA A 376 -3.10 13.98 -5.14
C ALA A 376 -4.37 14.84 -5.27
N ALA A 377 -5.17 14.89 -4.20
CA ALA A 377 -6.38 15.69 -4.17
C ALA A 377 -6.06 17.19 -4.22
N VAL A 378 -5.00 17.59 -3.51
CA VAL A 378 -4.50 18.97 -3.59
C VAL A 378 -4.10 19.32 -5.01
N GLN A 379 -3.32 18.45 -5.64
CA GLN A 379 -2.93 18.67 -7.04
C GLN A 379 -4.09 18.66 -8.01
N ALA A 380 -5.13 17.82 -7.80
CA ALA A 380 -6.28 17.86 -8.66
C ALA A 380 -7.01 19.23 -8.62
N ALA A 381 -7.10 19.79 -7.40
CA ALA A 381 -7.70 21.10 -7.16
C ALA A 381 -6.96 22.17 -7.92
N ILE A 382 -5.64 22.12 -7.90
CA ILE A 382 -4.82 23.18 -8.52
C ILE A 382 -5.06 23.14 -10.02
N LEU A 383 -5.08 21.94 -10.56
CA LEU A 383 -5.24 21.74 -12.01
C LEU A 383 -6.63 22.06 -12.56
N ILE A 384 -7.71 21.82 -11.81
CA ILE A 384 -9.02 22.23 -12.29
C ILE A 384 -9.29 23.70 -11.98
N GLY A 385 -8.51 24.29 -11.09
CA GLY A 385 -8.73 25.70 -10.69
C GLY A 385 -9.79 25.80 -9.60
N ASP A 386 -9.87 24.75 -8.76
CA ASP A 386 -10.68 24.75 -7.52
C ASP A 386 -9.85 25.27 -6.33
N LYS A 387 -8.57 25.57 -6.60
CA LYS A 387 -7.63 26.15 -5.64
C LYS A 387 -6.52 26.88 -6.42
#